data_4KPK
#
_entry.id   4KPK
#
_cell.length_a   106.254
_cell.length_b   106.254
_cell.length_c   61.725
_cell.angle_alpha   90.00
_cell.angle_beta   90.00
_cell.angle_gamma   120.00
#
_symmetry.space_group_name_H-M   'H 3'
#
loop_
_entity.id
_entity.type
_entity.pdbx_description
1 polymer 'Enoyl-CoA hydratase/isomerase'
2 non-polymer 1,2-ETHANEDIOL
3 water water
#
_entity_poly.entity_id   1
_entity_poly.type   'polypeptide(L)'
_entity_poly.pdbx_seq_one_letter_code
;(MSE)HHHHHHSSGVDLGTENLYFQS(MSE)NNSVATQTEILDQQLHYLSCTLNGGVAQ(MSE)VLDRSDKHNAFDEV
(MSE)ISE(MSE)IQVLEHFKRNEQCQILLLKANGKNFSAGADLNW(MSE)RKQAK(MSE)DFEQNLADANELARL
(MSE)S(MSE)LDKFPKPTITLVQGAAFGGALGLICCSDIAIANERASFCLSEVKLGLIPAVISPYVTRA(MSE)GQRAA
RRY(MSE)LTAERFDAQKALELQIIHDINDDLDAAAQPFIDALLSNSPQG(MSE)AWVKCLLSSLEDGVIDQNTLDHTSE
RIARIRVSEEGQEGLNAFFEKRSPQWPTTTDFSIAPENNNDASGQGAK
;
_entity_poly.pdbx_strand_id   A
#
# COMPACT_ATOMS: atom_id res chain seq x y z
N ALA A 28 24.89 14.17 -2.73
CA ALA A 28 23.41 13.90 -2.96
C ALA A 28 23.17 12.42 -3.26
N THR A 29 22.28 11.81 -2.48
CA THR A 29 21.93 10.39 -2.60
C THR A 29 21.03 10.13 -3.82
N GLN A 30 20.94 8.84 -4.17
CA GLN A 30 20.06 8.43 -5.25
C GLN A 30 18.59 8.82 -4.97
N THR A 31 18.18 8.73 -3.71
CA THR A 31 16.84 9.16 -3.29
C THR A 31 16.63 10.67 -3.48
N GLU A 32 17.56 11.47 -2.96
CA GLU A 32 17.55 12.93 -3.18
C GLU A 32 17.52 13.27 -4.68
N ILE A 33 18.20 12.51 -5.52
CA ILE A 33 18.19 12.79 -6.96
C ILE A 33 16.84 12.43 -7.53
N LEU A 34 16.31 11.30 -7.11
CA LEU A 34 15.02 10.89 -7.62
C LEU A 34 13.96 11.94 -7.14
N ASP A 35 13.96 12.26 -5.86
CA ASP A 35 13.06 13.26 -5.32
C ASP A 35 13.06 14.51 -6.22
N GLN A 36 14.22 15.01 -6.60
CA GLN A 36 14.32 16.19 -7.46
C GLN A 36 13.73 16.01 -8.88
N GLN A 37 13.98 14.85 -9.52
CA GLN A 37 13.54 14.56 -10.85
C GLN A 37 12.07 14.21 -11.01
N LEU A 38 11.44 13.56 -10.01
CA LEU A 38 9.99 13.30 -10.07
C LEU A 38 9.14 14.58 -10.09
N HIS A 39 8.11 14.57 -10.95
CA HIS A 39 7.26 15.73 -11.20
C HIS A 39 6.17 15.83 -10.14
N TYR A 40 5.60 14.68 -9.77
CA TYR A 40 4.41 14.55 -8.99
C TYR A 40 4.58 13.97 -7.62
N LEU A 41 5.74 13.38 -7.38
CA LEU A 41 6.03 12.77 -6.08
C LEU A 41 7.25 13.43 -5.44
N SER A 42 7.32 13.32 -4.10
CA SER A 42 8.57 13.43 -3.33
C SER A 42 8.93 12.10 -2.81
N CYS A 43 10.19 11.95 -2.45
CA CYS A 43 10.60 10.75 -1.77
C CYS A 43 11.77 11.06 -0.92
N THR A 44 11.78 10.50 0.30
CA THR A 44 12.85 10.72 1.26
C THR A 44 13.15 9.45 1.99
N LEU A 45 14.34 9.40 2.59
CA LEU A 45 14.79 8.22 3.30
C LEU A 45 15.58 8.60 4.53
N ASN A 46 15.11 8.21 5.71
CA ASN A 46 15.78 8.57 6.95
C ASN A 46 15.48 7.48 7.94
N GLY A 47 16.53 6.96 8.54
CA GLY A 47 16.42 6.15 9.75
C GLY A 47 15.54 4.90 9.64
N GLY A 48 15.56 4.25 8.48
CA GLY A 48 14.81 3.02 8.26
C GLY A 48 13.56 3.19 7.42
N VAL A 49 13.10 4.42 7.37
CA VAL A 49 11.75 4.78 6.95
C VAL A 49 11.83 5.54 5.66
N ALA A 50 11.20 5.02 4.64
CA ALA A 50 11.20 5.64 3.35
C ALA A 50 9.84 6.21 3.19
N GLN A 51 9.75 7.31 2.46
CA GLN A 51 8.47 7.90 2.25
C GLN A 51 8.28 8.17 0.81
N VAL A 53 5.52 10.38 -1.34
CA VAL A 53 4.62 11.45 -1.04
C VAL A 53 3.96 12.04 -2.31
N LEU A 54 2.62 12.02 -2.33
CA LEU A 54 1.84 12.58 -3.42
C LEU A 54 1.90 14.06 -3.21
N ASP A 55 2.51 14.65 -4.22
CA ASP A 55 2.99 16.04 -4.18
C ASP A 55 2.51 16.81 -5.40
N ARG A 56 1.27 16.59 -5.76
CA ARG A 56 0.66 17.35 -6.81
C ARG A 56 -0.61 18.03 -6.27
N SER A 57 -0.52 18.68 -5.11
CA SER A 57 -1.74 19.21 -4.49
C SER A 57 -2.51 20.15 -5.42
N ASP A 58 -1.80 20.90 -6.25
CA ASP A 58 -2.47 21.94 -7.08
C ASP A 58 -3.56 21.29 -7.94
N LYS A 59 -3.33 20.02 -8.34
CA LYS A 59 -4.32 19.20 -9.12
C LYS A 59 -4.94 18.02 -8.34
N HIS A 60 -5.07 18.24 -7.03
CA HIS A 60 -5.77 17.35 -6.12
C HIS A 60 -5.16 15.93 -6.10
N ASN A 61 -3.87 15.86 -6.36
CA ASN A 61 -3.17 14.58 -6.40
C ASN A 61 -3.85 13.58 -7.33
N ALA A 62 -4.45 14.10 -8.38
CA ALA A 62 -5.25 13.32 -9.27
C ALA A 62 -4.29 12.40 -10.07
N PHE A 63 -4.69 11.18 -10.31
CA PHE A 63 -3.83 10.26 -11.03
C PHE A 63 -3.88 10.50 -12.53
N ASP A 64 -2.70 10.48 -13.11
CA ASP A 64 -2.56 10.27 -14.54
C ASP A 64 -1.42 9.31 -14.82
N GLU A 65 -1.08 9.11 -16.11
CA GLU A 65 -0.03 8.14 -16.53
C GLU A 65 1.35 8.42 -15.91
N VAL A 66 1.62 9.68 -15.75
CA VAL A 66 2.85 10.09 -15.16
C VAL A 66 2.91 9.72 -13.65
N ILE A 68 1.23 7.44 -12.11
CA ILE A 68 1.27 5.97 -12.08
C ILE A 68 2.73 5.54 -12.24
N SER A 69 3.39 6.10 -13.25
CA SER A 69 4.74 5.65 -13.59
C SER A 69 5.77 6.07 -12.54
N GLU A 70 5.60 7.30 -12.05
CA GLU A 70 6.47 7.76 -10.99
C GLU A 70 6.34 6.87 -9.75
N ILE A 72 5.51 3.65 -9.61
CA ILE A 72 6.32 2.45 -9.96
C ILE A 72 7.82 2.65 -9.72
N GLN A 73 8.37 3.74 -10.23
CA GLN A 73 9.77 4.02 -10.06
C GLN A 73 10.20 4.14 -8.58
N VAL A 74 9.41 4.85 -7.76
CA VAL A 74 9.75 5.00 -6.37
C VAL A 74 9.69 3.65 -5.61
N LEU A 75 8.69 2.84 -5.94
CA LEU A 75 8.59 1.50 -5.40
C LEU A 75 9.80 0.67 -5.80
N GLU A 76 10.18 0.67 -7.08
CA GLU A 76 11.34 -0.14 -7.49
C GLU A 76 12.57 0.41 -6.79
N HIS A 77 12.70 1.74 -6.68
CA HIS A 77 13.80 2.32 -5.94
C HIS A 77 13.94 1.80 -4.50
N PHE A 78 12.85 1.78 -3.75
CA PHE A 78 12.95 1.43 -2.33
C PHE A 78 12.98 -0.10 -2.08
N LYS A 79 12.43 -0.88 -2.97
CA LYS A 79 12.54 -2.30 -2.87
C LYS A 79 14.03 -2.70 -2.91
N ARG A 80 14.81 -2.14 -3.82
CA ARG A 80 16.27 -2.40 -3.95
C ARG A 80 17.05 -2.01 -2.68
N ASN A 81 16.69 -0.83 -2.16
CA ASN A 81 17.39 -0.16 -1.09
C ASN A 81 17.45 -0.94 0.21
N GLU A 82 18.66 -1.21 0.67
CA GLU A 82 18.91 -1.94 1.92
C GLU A 82 18.67 -1.12 3.21
N GLN A 83 18.78 0.21 3.11
CA GLN A 83 18.45 1.14 4.21
C GLN A 83 16.91 1.41 4.44
N CYS A 84 16.08 0.86 3.56
CA CYS A 84 14.61 0.96 3.68
C CYS A 84 14.09 -0.27 4.37
N GLN A 85 13.65 -0.11 5.62
CA GLN A 85 12.96 -1.20 6.33
C GLN A 85 11.44 -1.09 6.19
N ILE A 86 10.92 0.12 6.08
CA ILE A 86 9.52 0.40 6.05
C ILE A 86 9.33 1.39 4.92
N LEU A 87 8.15 1.36 4.28
CA LEU A 87 7.72 2.34 3.28
C LEU A 87 6.44 2.96 3.77
N LEU A 88 6.46 4.28 3.92
CA LEU A 88 5.33 5.07 4.33
C LEU A 88 4.82 5.83 3.08
N LEU A 89 3.52 5.68 2.77
CA LEU A 89 2.85 6.50 1.74
C LEU A 89 1.95 7.57 2.36
N LYS A 90 2.08 8.80 1.85
CA LYS A 90 1.39 10.00 2.39
C LYS A 90 1.15 10.89 1.19
N ALA A 91 0.51 12.01 1.42
CA ALA A 91 0.20 13.00 0.37
C ALA A 91 0.17 14.42 0.98
N ASN A 92 0.57 15.42 0.20
CA ASN A 92 0.49 16.80 0.59
C ASN A 92 -0.86 17.36 0.20
N GLY A 93 -1.26 18.41 0.93
CA GLY A 93 -2.52 19.15 0.66
C GLY A 93 -3.64 18.59 1.47
N LYS A 94 -4.85 19.03 1.20
CA LYS A 94 -6.03 18.65 1.97
C LYS A 94 -6.61 17.27 1.60
N ASN A 95 -6.24 16.74 0.43
CA ASN A 95 -6.84 15.55 -0.13
C ASN A 95 -5.77 14.56 -0.62
N PHE A 96 -6.00 13.31 -0.33
CA PHE A 96 -5.04 12.27 -0.65
C PHE A 96 -4.96 12.05 -2.22
N SER A 97 -6.07 11.76 -2.89
CA SER A 97 -6.19 11.89 -4.37
C SER A 97 -7.65 12.10 -4.64
N ALA A 98 -8.01 13.13 -5.41
CA ALA A 98 -9.37 13.20 -5.94
C ALA A 98 -9.58 12.14 -7.06
N GLY A 99 -8.65 11.21 -7.26
CA GLY A 99 -8.89 10.11 -8.17
C GLY A 99 -8.33 10.55 -9.49
N ALA A 100 -9.09 10.35 -10.56
CA ALA A 100 -8.52 10.34 -11.91
C ALA A 100 -8.49 11.73 -12.57
N ASP A 101 -7.35 12.11 -13.14
CA ASP A 101 -7.18 13.41 -13.77
C ASP A 101 -8.12 13.51 -14.98
N LEU A 102 -8.92 14.59 -15.08
CA LEU A 102 -9.87 14.78 -16.21
C LEU A 102 -9.21 14.77 -17.60
N ASN A 103 -8.02 15.37 -17.69
CA ASN A 103 -7.29 15.43 -18.95
C ASN A 103 -6.87 14.06 -19.34
N TRP A 104 -6.50 13.25 -18.35
CA TRP A 104 -6.09 11.86 -18.58
C TRP A 104 -7.32 11.10 -19.01
N ARG A 106 -9.94 12.16 -20.66
CA ARG A 106 -10.22 12.48 -22.08
C ARG A 106 -9.34 11.68 -23.03
N LYS A 107 -8.07 11.54 -22.66
CA LYS A 107 -7.15 10.75 -23.48
C LYS A 107 -7.57 9.28 -23.54
N GLN A 108 -7.93 8.70 -22.39
CA GLN A 108 -8.35 7.28 -22.36
C GLN A 108 -9.57 7.01 -23.24
N ALA A 109 -10.51 7.95 -23.16
CA ALA A 109 -11.71 7.88 -23.98
C ALA A 109 -11.41 7.72 -25.47
N LYS A 110 -10.32 8.32 -25.96
CA LYS A 110 -10.00 8.32 -27.39
C LYS A 110 -9.17 7.10 -27.72
N ASP A 112 -7.95 3.23 -28.29
CA ASP A 112 -8.55 1.97 -28.72
C ASP A 112 -8.30 0.85 -27.66
N PHE A 113 -8.82 -0.34 -27.90
CA PHE A 113 -8.73 -1.43 -26.93
C PHE A 113 -7.27 -1.66 -26.43
N GLU A 114 -6.34 -1.73 -27.38
CA GLU A 114 -5.00 -2.11 -27.04
C GLU A 114 -4.26 -1.03 -26.26
N GLN A 115 -4.53 0.21 -26.56
CA GLN A 115 -3.90 1.30 -25.82
C GLN A 115 -4.45 1.32 -24.40
N ASN A 116 -5.75 1.09 -24.32
CA ASN A 116 -6.44 0.99 -23.02
C ASN A 116 -5.91 -0.14 -22.18
N LEU A 117 -5.61 -1.27 -22.82
CA LEU A 117 -5.13 -2.44 -22.15
C LEU A 117 -3.75 -2.20 -21.54
N ALA A 118 -2.86 -1.59 -22.32
CA ALA A 118 -1.56 -1.17 -21.84
C ALA A 118 -1.71 -0.23 -20.62
N ASP A 119 -2.57 0.79 -20.70
CA ASP A 119 -2.79 1.70 -19.51
C ASP A 119 -3.15 0.88 -18.30
N ALA A 120 -4.19 0.06 -18.46
CA ALA A 120 -4.69 -0.74 -17.37
C ALA A 120 -3.61 -1.62 -16.81
N ASN A 121 -2.73 -2.19 -17.69
CA ASN A 121 -1.72 -3.09 -17.23
C ASN A 121 -0.68 -2.37 -16.45
N GLU A 122 -0.39 -1.13 -16.77
CA GLU A 122 0.52 -0.36 -15.93
C GLU A 122 -0.05 -0.05 -14.53
N LEU A 123 -1.34 0.29 -14.48
CA LEU A 123 -2.00 0.53 -13.20
C LEU A 123 -2.02 -0.79 -12.46
N ALA A 124 -2.19 -1.90 -13.20
CA ALA A 124 -2.21 -3.21 -12.51
C ALA A 124 -0.85 -3.63 -11.94
N ARG A 125 0.20 -3.30 -12.69
CA ARG A 125 1.58 -3.50 -12.26
C ARG A 125 1.90 -2.65 -11.02
N LEU A 126 1.50 -1.39 -11.03
CA LEU A 126 1.57 -0.54 -9.79
C LEU A 126 0.93 -1.23 -8.54
N SER A 128 0.04 -4.38 -7.99
CA SER A 128 0.69 -5.64 -7.67
C SER A 128 2.02 -5.47 -6.95
N LEU A 130 3.02 -2.90 -5.23
CA LEU A 130 2.76 -2.42 -3.86
C LEU A 130 2.28 -3.51 -2.95
N ASP A 131 1.28 -4.23 -3.40
CA ASP A 131 0.71 -5.29 -2.61
C ASP A 131 1.77 -6.35 -2.18
N LYS A 132 2.74 -6.58 -3.06
CA LYS A 132 3.79 -7.61 -2.89
C LYS A 132 5.06 -7.01 -2.30
N PHE A 133 5.09 -5.69 -2.07
CA PHE A 133 6.32 -5.04 -1.57
C PHE A 133 6.80 -5.80 -0.34
N PRO A 134 8.09 -6.23 -0.31
CA PRO A 134 8.55 -7.22 0.70
C PRO A 134 8.92 -6.59 2.03
N LYS A 135 8.24 -5.49 2.37
CA LYS A 135 8.52 -4.69 3.51
C LYS A 135 7.20 -4.05 3.94
N PRO A 136 7.03 -3.83 5.26
CA PRO A 136 5.77 -3.26 5.72
C PRO A 136 5.53 -1.92 5.11
N THR A 137 4.31 -1.71 4.66
CA THR A 137 3.83 -0.45 4.09
C THR A 137 2.73 0.14 5.00
N ILE A 138 2.76 1.44 5.22
CA ILE A 138 1.78 2.20 6.03
C ILE A 138 1.32 3.31 5.10
N THR A 139 0.01 3.39 4.85
CA THR A 139 -0.59 4.53 4.16
C THR A 139 -1.41 5.48 5.11
N LEU A 140 -1.14 6.79 5.02
CA LEU A 140 -1.77 7.85 5.82
C LEU A 140 -2.68 8.73 4.94
N VAL A 141 -3.98 8.66 5.15
CA VAL A 141 -4.94 9.20 4.20
C VAL A 141 -5.73 10.38 4.82
N GLN A 142 -5.53 11.59 4.31
CA GLN A 142 -6.28 12.81 4.70
C GLN A 142 -7.30 13.11 3.60
N GLY A 143 -8.47 13.63 4.01
CA GLY A 143 -9.61 13.86 3.09
C GLY A 143 -9.92 12.85 1.97
N ALA A 144 -10.18 13.36 0.77
CA ALA A 144 -10.66 12.53 -0.33
C ALA A 144 -9.58 11.56 -0.75
N ALA A 145 -10.01 10.31 -0.96
CA ALA A 145 -9.12 9.26 -1.53
C ALA A 145 -9.92 8.48 -2.52
N PHE A 146 -10.12 9.06 -3.70
CA PHE A 146 -11.06 8.53 -4.70
C PHE A 146 -10.21 7.78 -5.78
N GLY A 147 -10.87 6.94 -6.58
CA GLY A 147 -10.24 6.30 -7.76
C GLY A 147 -9.15 5.28 -7.35
N GLY A 148 -8.02 5.27 -8.07
CA GLY A 148 -6.94 4.27 -7.81
C GLY A 148 -6.34 4.35 -6.41
N ALA A 149 -6.61 5.47 -5.71
CA ALA A 149 -6.10 5.70 -4.34
C ALA A 149 -6.64 4.69 -3.38
N LEU A 150 -7.92 4.37 -3.51
CA LEU A 150 -8.46 3.31 -2.74
C LEU A 150 -7.70 2.00 -2.95
N GLY A 151 -7.24 1.72 -4.17
CA GLY A 151 -6.45 0.51 -4.43
C GLY A 151 -5.14 0.53 -3.68
N LEU A 152 -4.42 1.60 -3.80
CA LEU A 152 -3.24 1.74 -2.97
C LEU A 152 -3.50 1.50 -1.52
N ILE A 153 -4.56 2.08 -0.97
CA ILE A 153 -4.85 1.89 0.45
C ILE A 153 -5.11 0.43 0.74
N CYS A 154 -5.94 -0.19 -0.08
CA CYS A 154 -6.14 -1.63 0.01
C CYS A 154 -4.95 -2.52 -0.26
N CYS A 155 -3.88 -1.97 -0.85
CA CYS A 155 -2.65 -2.71 -1.09
C CYS A 155 -1.66 -2.56 0.06
N SER A 156 -1.92 -1.61 0.96
CA SER A 156 -1.01 -1.32 2.05
C SER A 156 -1.27 -2.24 3.19
N ASP A 157 -0.28 -2.49 4.03
CA ASP A 157 -0.47 -3.41 5.15
C ASP A 157 -1.25 -2.68 6.32
N ILE A 158 -0.99 -1.39 6.48
CA ILE A 158 -1.60 -0.53 7.52
C ILE A 158 -2.02 0.76 6.86
N ALA A 159 -3.27 1.17 7.14
CA ALA A 159 -3.85 2.42 6.67
C ALA A 159 -4.56 3.18 7.83
N ILE A 160 -4.24 4.47 7.91
CA ILE A 160 -4.79 5.39 8.92
C ILE A 160 -5.33 6.57 8.16
N ALA A 161 -6.55 6.96 8.46
CA ALA A 161 -7.15 8.12 7.81
C ALA A 161 -7.59 9.18 8.88
N ASN A 162 -7.77 10.46 8.46
CA ASN A 162 -8.34 11.50 9.35
C ASN A 162 -9.86 11.42 9.32
N GLU A 163 -10.52 12.23 10.12
CA GLU A 163 -11.96 12.12 10.33
C GLU A 163 -12.79 12.56 9.12
N ARG A 164 -12.24 13.48 8.34
CA ARG A 164 -12.87 13.96 7.09
C ARG A 164 -12.65 13.02 5.89
N ALA A 165 -11.88 11.93 6.06
CA ALA A 165 -11.59 11.03 4.88
C ALA A 165 -12.82 10.54 4.15
N SER A 166 -12.70 10.50 2.85
CA SER A 166 -13.84 10.30 2.01
C SER A 166 -13.52 9.21 1.01
N PHE A 167 -14.49 8.32 0.73
CA PHE A 167 -14.29 7.20 -0.22
C PHE A 167 -15.49 7.00 -1.10
N CYS A 168 -15.26 6.44 -2.28
CA CYS A 168 -16.26 6.39 -3.32
C CYS A 168 -15.72 5.45 -4.40
N LEU A 169 -16.48 4.44 -4.77
CA LEU A 169 -16.19 3.66 -6.02
C LEU A 169 -17.14 4.07 -7.17
N SER A 170 -16.72 5.07 -7.93
CA SER A 170 -17.57 5.87 -8.84
C SER A 170 -17.70 5.36 -10.28
N GLU A 171 -16.91 4.36 -10.66
CA GLU A 171 -16.77 4.00 -12.06
C GLU A 171 -18.06 3.75 -12.79
N VAL A 172 -19.03 3.06 -12.15
CA VAL A 172 -20.29 2.75 -12.83
C VAL A 172 -21.12 4.01 -13.12
N LYS A 173 -20.79 5.16 -12.49
CA LYS A 173 -21.50 6.39 -12.82
C LYS A 173 -21.10 6.83 -14.21
N LEU A 174 -19.94 6.35 -14.71
CA LEU A 174 -19.41 6.76 -16.02
C LEU A 174 -19.46 5.61 -17.08
N GLY A 175 -20.25 4.57 -16.81
CA GLY A 175 -20.25 3.38 -17.63
C GLY A 175 -18.95 2.61 -17.51
N LEU A 176 -18.25 2.77 -16.39
CA LEU A 176 -16.99 2.05 -16.18
C LEU A 176 -17.08 1.09 -15.01
N ILE A 177 -15.98 0.38 -14.75
CA ILE A 177 -15.87 -0.48 -13.55
C ILE A 177 -14.47 -0.33 -12.94
N PRO A 178 -14.37 -0.47 -11.61
CA PRO A 178 -13.04 -0.35 -10.98
C PRO A 178 -12.31 -1.66 -11.06
N ALA A 179 -11.92 -2.07 -12.25
CA ALA A 179 -11.53 -3.45 -12.48
C ALA A 179 -10.17 -3.73 -11.88
N VAL A 180 -9.21 -2.84 -12.12
CA VAL A 180 -7.83 -3.10 -11.75
C VAL A 180 -7.63 -3.15 -10.22
N ILE A 181 -8.37 -2.32 -9.49
CA ILE A 181 -8.24 -2.28 -8.04
C ILE A 181 -9.09 -3.30 -7.28
N SER A 182 -10.05 -3.90 -7.99
CA SER A 182 -11.10 -4.72 -7.36
C SER A 182 -10.61 -5.90 -6.59
N PRO A 183 -9.46 -6.49 -6.98
CA PRO A 183 -9.05 -7.67 -6.25
C PRO A 183 -8.61 -7.32 -4.85
N TYR A 184 -7.91 -6.20 -4.74
CA TYR A 184 -7.37 -5.72 -3.51
C TYR A 184 -8.47 -5.12 -2.67
N VAL A 185 -9.38 -4.45 -3.33
CA VAL A 185 -10.42 -3.75 -2.57
C VAL A 185 -11.35 -4.77 -1.97
N THR A 186 -11.63 -5.82 -2.75
CA THR A 186 -12.49 -6.91 -2.33
C THR A 186 -11.88 -7.72 -1.20
N ARG A 187 -10.60 -7.95 -1.30
CA ARG A 187 -9.91 -8.61 -0.21
C ARG A 187 -10.08 -7.80 1.11
N ALA A 188 -10.01 -6.49 1.02
CA ALA A 188 -10.04 -5.67 2.23
C ALA A 188 -11.40 -5.61 2.85
N GLY A 190 -14.37 -7.10 1.69
CA GLY A 190 -15.23 -8.27 1.53
C GLY A 190 -16.26 -8.12 0.39
N GLN A 191 -16.74 -9.24 -0.13
CA GLN A 191 -17.79 -9.31 -1.15
C GLN A 191 -19.12 -8.72 -0.80
N ARG A 192 -19.62 -9.00 0.39
CA ARG A 192 -20.88 -8.41 0.85
C ARG A 192 -20.89 -6.84 0.71
N ALA A 193 -19.86 -6.18 1.16
CA ALA A 193 -19.78 -4.72 1.05
C ALA A 193 -19.38 -4.26 -0.36
N ALA A 194 -18.55 -5.01 -1.08
CA ALA A 194 -18.18 -4.61 -2.45
C ALA A 194 -19.35 -4.60 -3.38
N ARG A 195 -20.19 -5.58 -3.26
CA ARG A 195 -21.34 -5.68 -4.10
C ARG A 195 -22.30 -4.51 -3.85
N ARG A 196 -22.31 -3.96 -2.62
CA ARG A 196 -23.12 -2.75 -2.41
C ARG A 196 -22.42 -1.54 -3.04
N TYR A 197 -21.25 -1.23 -2.51
CA TYR A 197 -20.61 0.03 -2.84
C TYR A 197 -20.16 0.17 -4.28
N LEU A 199 -21.78 -1.19 -6.79
CA LEU A 199 -22.98 -0.98 -7.55
C LEU A 199 -23.67 0.35 -7.30
N THR A 200 -23.64 0.86 -6.04
CA THR A 200 -24.31 2.16 -5.76
C THR A 200 -23.50 3.34 -6.17
N ALA A 201 -22.18 3.16 -6.13
CA ALA A 201 -21.20 4.24 -6.24
C ALA A 201 -21.40 5.37 -5.15
N GLU A 202 -21.93 4.99 -4.00
CA GLU A 202 -22.13 5.96 -2.95
C GLU A 202 -20.83 6.31 -2.27
N ARG A 203 -20.82 7.52 -1.70
CA ARG A 203 -19.73 8.01 -0.89
C ARG A 203 -19.83 7.31 0.43
N PHE A 204 -18.69 7.05 1.08
CA PHE A 204 -18.68 6.58 2.45
C PHE A 204 -17.58 7.26 3.26
N ASP A 205 -17.76 7.28 4.59
CA ASP A 205 -16.93 8.09 5.45
C ASP A 205 -15.90 7.26 6.20
N ALA A 206 -15.13 7.94 7.05
CA ALA A 206 -14.03 7.38 7.73
C ALA A 206 -14.48 6.25 8.63
N GLN A 207 -15.58 6.47 9.34
CA GLN A 207 -16.01 5.52 10.33
C GLN A 207 -16.43 4.22 9.63
N LYS A 208 -17.18 4.35 8.56
CA LYS A 208 -17.60 3.17 7.78
C LYS A 208 -16.38 2.40 7.21
N ALA A 209 -15.38 3.15 6.74
CA ALA A 209 -14.09 2.65 6.30
C ALA A 209 -13.42 1.79 7.35
N LEU A 210 -13.45 2.31 8.57
CA LEU A 210 -12.87 1.61 9.68
C LEU A 210 -13.63 0.30 9.91
N GLU A 211 -14.97 0.34 9.94
CA GLU A 211 -15.81 -0.86 10.14
C GLU A 211 -15.57 -1.95 9.09
N LEU A 212 -15.47 -1.52 7.83
CA LEU A 212 -15.21 -2.38 6.71
C LEU A 212 -13.77 -2.83 6.60
N GLN A 213 -12.93 -2.18 7.42
CA GLN A 213 -11.51 -2.49 7.54
C GLN A 213 -10.75 -1.99 6.36
N ILE A 214 -11.29 -1.06 5.60
CA ILE A 214 -10.51 -0.32 4.59
C ILE A 214 -9.35 0.43 5.30
N ILE A 215 -9.64 0.95 6.53
CA ILE A 215 -8.58 1.54 7.31
C ILE A 215 -8.52 0.81 8.61
N HIS A 216 -7.39 0.97 9.30
CA HIS A 216 -7.09 0.36 10.62
C HIS A 216 -7.28 1.35 11.77
N ASP A 217 -7.22 2.65 11.53
CA ASP A 217 -7.26 3.66 12.64
C ASP A 217 -7.77 4.99 12.07
N ILE A 218 -8.36 5.82 12.91
CA ILE A 218 -8.78 7.14 12.55
C ILE A 218 -8.12 8.13 13.52
N ASN A 219 -7.44 9.13 12.97
CA ASN A 219 -6.78 10.12 13.78
C ASN A 219 -6.51 11.33 12.93
N ASP A 220 -6.98 12.50 13.37
CA ASP A 220 -6.57 13.76 12.72
C ASP A 220 -5.06 14.08 12.75
N ASP A 221 -4.31 13.48 13.65
CA ASP A 221 -2.89 13.68 13.63
C ASP A 221 -2.31 12.41 13.07
N LEU A 222 -2.13 12.40 11.76
CA LEU A 222 -1.68 11.22 11.03
C LEU A 222 -0.24 10.80 11.40
N ASP A 223 0.61 11.78 11.67
CA ASP A 223 2.02 11.58 12.09
C ASP A 223 2.13 10.95 13.48
N ALA A 224 1.43 11.50 14.47
CA ALA A 224 1.33 10.85 15.75
C ALA A 224 0.74 9.45 15.60
N ALA A 225 -0.28 9.28 14.76
CA ALA A 225 -0.93 7.98 14.68
C ALA A 225 0.00 6.88 14.09
N ALA A 226 0.91 7.29 13.19
CA ALA A 226 1.82 6.35 12.51
C ALA A 226 2.98 5.94 13.40
N GLN A 227 3.35 6.79 14.35
CA GLN A 227 4.58 6.58 15.13
C GLN A 227 4.67 5.22 15.81
N PRO A 228 3.65 4.85 16.59
CA PRO A 228 3.66 3.57 17.27
C PRO A 228 3.79 2.39 16.28
N PHE A 229 3.16 2.46 15.12
CA PHE A 229 3.35 1.39 14.09
C PHE A 229 4.78 1.39 13.55
N ILE A 230 5.32 2.58 13.27
CA ILE A 230 6.69 2.67 12.81
C ILE A 230 7.67 2.08 13.82
N ASP A 231 7.55 2.50 15.07
CA ASP A 231 8.33 1.89 16.16
C ASP A 231 8.21 0.37 16.24
N ALA A 232 7.01 -0.18 16.10
CA ALA A 232 6.86 -1.62 16.24
C ALA A 232 7.59 -2.31 15.02
N LEU A 233 7.41 -1.75 13.84
CA LEU A 233 7.87 -2.35 12.60
C LEU A 233 9.39 -2.30 12.45
N LEU A 234 10.02 -1.20 12.85
CA LEU A 234 11.49 -1.12 12.82
C LEU A 234 12.13 -2.08 13.81
N SER A 235 11.43 -2.45 14.88
CA SER A 235 11.96 -3.43 15.84
C SER A 235 11.99 -4.86 15.32
N ASN A 236 11.15 -5.19 14.34
CA ASN A 236 10.94 -6.62 14.02
C ASN A 236 11.83 -7.12 12.92
N SER A 237 11.88 -8.43 12.75
CA SER A 237 12.73 -9.05 11.71
C SER A 237 12.35 -8.68 10.30
N PRO A 238 13.22 -7.97 9.59
CA PRO A 238 12.91 -7.78 8.14
C PRO A 238 12.59 -9.06 7.39
N GLN A 239 13.39 -10.10 7.60
CA GLN A 239 13.11 -11.37 6.93
C GLN A 239 11.77 -11.99 7.34
N GLY A 240 11.49 -11.99 8.66
CA GLY A 240 10.28 -12.57 9.16
C GLY A 240 9.04 -11.85 8.62
N ALA A 242 8.93 -10.08 5.80
CA ALA A 242 8.79 -10.46 4.35
C ALA A 242 8.18 -11.82 4.17
N TRP A 243 8.57 -12.76 5.03
CA TRP A 243 7.98 -14.12 4.95
C TRP A 243 6.54 -14.18 5.40
N VAL A 244 6.12 -13.30 6.36
CA VAL A 244 4.74 -13.24 6.80
C VAL A 244 3.95 -12.87 5.60
N LYS A 245 4.42 -11.90 4.82
CA LYS A 245 3.67 -11.42 3.70
C LYS A 245 3.52 -12.48 2.59
N CYS A 246 4.56 -13.29 2.28
CA CYS A 246 4.46 -14.26 1.19
C CYS A 246 3.53 -15.30 1.67
N LEU A 247 3.62 -15.63 2.95
CA LEU A 247 2.81 -16.70 3.52
C LEU A 247 1.33 -16.32 3.46
N LEU A 248 0.97 -15.16 3.99
CA LEU A 248 -0.41 -14.66 3.82
C LEU A 248 -0.86 -14.66 2.35
N SER A 249 0.02 -14.23 1.47
CA SER A 249 -0.29 -14.33 0.01
C SER A 249 -0.68 -15.75 -0.40
N SER A 250 0.11 -16.73 0.01
CA SER A 250 -0.15 -18.12 -0.34
C SER A 250 -1.47 -18.64 0.20
N LEU A 251 -2.03 -17.98 1.22
CA LEU A 251 -3.25 -18.42 1.87
C LEU A 251 -4.55 -17.73 1.36
N GLU A 252 -4.40 -16.74 0.48
CA GLU A 252 -5.51 -15.90 -0.02
C GLU A 252 -6.66 -16.65 -0.59
N ASP A 253 -6.37 -17.79 -1.22
CA ASP A 253 -7.40 -18.65 -1.78
C ASP A 253 -8.34 -19.35 -0.78
N GLY A 254 -7.93 -19.51 0.46
CA GLY A 254 -8.79 -20.06 1.49
C GLY A 254 -8.65 -21.55 1.64
N VAL A 255 -7.80 -22.16 0.83
CA VAL A 255 -7.64 -23.59 0.87
C VAL A 255 -6.79 -23.89 2.08
N ILE A 256 -7.18 -24.94 2.79
CA ILE A 256 -6.44 -25.50 3.91
C ILE A 256 -6.49 -27.02 3.66
N ASP A 257 -5.52 -27.54 2.92
CA ASP A 257 -5.45 -28.96 2.59
C ASP A 257 -4.06 -29.49 2.98
N GLN A 258 -3.71 -30.71 2.54
CA GLN A 258 -2.38 -31.28 2.87
C GLN A 258 -1.25 -30.40 2.46
N ASN A 259 -1.33 -29.82 1.28
CA ASN A 259 -0.24 -28.98 0.78
C ASN A 259 -0.09 -27.72 1.62
N THR A 260 -1.20 -27.16 2.09
CA THR A 260 -1.11 -25.97 2.98
C THR A 260 -0.29 -26.33 4.22
N LEU A 261 -0.67 -27.45 4.81
CA LEU A 261 -0.02 -28.00 5.99
C LEU A 261 1.48 -28.27 5.78
N ASP A 262 1.82 -28.87 4.65
CA ASP A 262 3.21 -29.18 4.33
C ASP A 262 4.07 -27.90 4.10
N HIS A 263 3.48 -26.96 3.37
CA HIS A 263 4.11 -25.70 3.07
C HIS A 263 4.27 -24.81 4.35
N THR A 264 3.23 -24.64 5.16
CA THR A 264 3.43 -23.88 6.43
C THR A 264 4.49 -24.47 7.34
N SER A 265 4.51 -25.81 7.40
CA SER A 265 5.51 -26.52 8.23
C SER A 265 6.93 -26.35 7.68
N GLU A 266 7.07 -26.38 6.36
CA GLU A 266 8.35 -26.13 5.73
C GLU A 266 8.81 -24.69 5.94
N ARG A 267 7.91 -23.69 5.84
CA ARG A 267 8.31 -22.29 6.11
C ARG A 267 8.87 -22.09 7.53
N ILE A 268 8.15 -22.51 8.56
CA ILE A 268 8.64 -22.29 9.93
C ILE A 268 10.00 -23.02 10.16
N ALA A 269 10.09 -24.24 9.69
CA ALA A 269 11.32 -25.02 9.85
C ALA A 269 12.49 -24.33 9.19
N ARG A 270 12.31 -23.89 7.95
CA ARG A 270 13.34 -23.09 7.26
C ARG A 270 13.75 -21.85 7.94
N ILE A 271 12.81 -20.99 8.33
CA ILE A 271 13.30 -19.71 8.89
C ILE A 271 14.07 -19.97 10.17
N ARG A 272 13.57 -20.88 11.01
CA ARG A 272 14.19 -21.19 12.33
C ARG A 272 15.66 -21.52 12.26
N VAL A 273 16.07 -22.21 11.17
CA VAL A 273 17.46 -22.58 10.97
C VAL A 273 18.20 -21.49 10.21
N SER A 274 17.49 -20.59 9.53
CA SER A 274 18.14 -19.41 8.93
C SER A 274 19.01 -18.62 9.95
N GLU A 275 19.96 -17.87 9.40
CA GLU A 275 20.81 -16.99 10.19
C GLU A 275 20.02 -15.97 11.01
N GLU A 276 19.00 -15.45 10.35
CA GLU A 276 18.11 -14.43 10.86
C GLU A 276 17.21 -15.02 11.94
N GLY A 277 16.56 -16.14 11.63
CA GLY A 277 15.85 -16.94 12.65
C GLY A 277 16.72 -17.25 13.85
N GLN A 278 17.95 -17.69 13.57
CA GLN A 278 18.88 -18.03 14.63
C GLN A 278 19.24 -16.80 15.46
N GLU A 279 19.43 -15.66 14.82
CA GLU A 279 19.82 -14.46 15.55
C GLU A 279 18.66 -13.94 16.39
N GLY A 280 17.45 -13.98 15.84
CA GLY A 280 16.28 -13.57 16.61
C GLY A 280 16.15 -14.38 17.89
N LEU A 281 16.31 -15.71 17.77
CA LEU A 281 16.21 -16.57 18.94
C LEU A 281 17.30 -16.33 19.95
N ASN A 282 18.55 -16.30 19.50
CA ASN A 282 19.68 -16.05 20.41
C ASN A 282 19.63 -14.71 21.18
N ALA A 283 19.24 -13.64 20.48
CA ALA A 283 19.08 -12.33 21.08
C ALA A 283 18.08 -12.42 22.23
N PHE A 284 16.92 -13.03 21.96
CA PHE A 284 15.91 -13.27 23.00
C PHE A 284 16.46 -14.11 24.17
N PHE A 285 17.10 -15.26 23.89
CA PHE A 285 17.66 -16.05 24.99
C PHE A 285 18.67 -15.22 25.77
N GLU A 286 19.51 -14.46 25.06
CA GLU A 286 20.57 -13.69 25.71
C GLU A 286 20.09 -12.34 26.25
N LYS A 287 18.80 -12.05 26.10
CA LYS A 287 18.16 -10.83 26.58
C LYS A 287 18.83 -9.61 26.04
N ARG A 288 19.21 -9.66 24.77
CA ARG A 288 19.86 -8.55 24.08
C ARG A 288 19.02 -8.20 22.86
N SER A 289 19.28 -7.03 22.28
CA SER A 289 18.76 -6.62 20.97
C SER A 289 19.31 -7.45 19.77
N PRO A 290 18.39 -7.94 18.89
CA PRO A 290 18.79 -8.60 17.66
C PRO A 290 19.50 -7.63 16.75
N GLN A 291 20.57 -8.09 16.12
CA GLN A 291 21.24 -7.35 15.08
C GLN A 291 20.81 -8.07 13.83
N TRP A 292 19.78 -7.53 13.17
CA TRP A 292 19.06 -8.21 12.09
C TRP A 292 19.88 -8.43 10.81
#